data_5KI4
#
_entry.id   5KI4
#
loop_
_entity.id
_entity.type
_entity.pdbx_description
1 polymer "DNA (5'-D(*AP*TP*CP*CP*GP*GP*TP*AP*G)-3')"
2 polymer "DNA (5'-D(*CP*TP*AP*CP*CP*GP*GP*AP*T)-3')"
#
loop_
_entity_poly.entity_id
_entity_poly.type
_entity_poly.pdbx_seq_one_letter_code
_entity_poly.pdbx_strand_id
1 'polydeoxyribonucleotide' (DA)(DT)(DC)(DC)(DG)(DG)(DT)(DA)(DG) A
2 'polydeoxyribonucleotide' (DC)(DT)(DA)(DC)(DC)(DG)(DG)(DA)(DT) B
#
loop_
_chem_comp.id
_chem_comp.type
_chem_comp.name
_chem_comp.formula
DA DNA linking 2'-DEOXYADENOSINE-5'-MONOPHOSPHATE 'C10 H14 N5 O6 P'
DC DNA linking 2'-DEOXYCYTIDINE-5'-MONOPHOSPHATE 'C9 H14 N3 O7 P'
DG DNA linking 2'-DEOXYGUANOSINE-5'-MONOPHOSPHATE 'C10 H14 N5 O7 P'
DT DNA linking THYMIDINE-5'-MONOPHOSPHATE 'C10 H15 N2 O8 P'
#